data_4OYS
#
_entry.id   4OYS
#
_cell.length_a   89.810
_cell.length_b   145.700
_cell.length_c   61.780
_cell.angle_alpha   90.00
_cell.angle_beta   90.00
_cell.angle_gamma   90.00
#
_symmetry.space_group_name_H-M   'P 21 21 2'
#
loop_
_entity.id
_entity.type
_entity.pdbx_description
1 polymer 'Phosphatidylinositol 3-kinase catalytic subunit type 3'
2 non-polymer 'SULFATE ION'
3 non-polymer (8S)-9-[(5-chloranylpyridin-3-yl)methyl]-2-[(3R)-3-methylmorpholin-4-yl]-8-(trifluoromethyl)-6,7,8,9a-tetrahydro-3H-pyrimido[1,2-a]pyrimidin-4-one
4 water water
#
_entity_poly.entity_id   1
_entity_poly.type   'polypeptide(L)'
_entity_poly.pdbx_seq_one_letter_code
;GAMSDHDLKPNAATRDQLNIIVSYPPTKQLTYEEQDLVWKFRYYLTNQEKALTKFLKCVNWDLPQEAKQALELLGKWKPM
DVEDSLELLSSHYTNPTVRRYAVARLRQADDEDLLMYLLQLVQALKYENFDDIKNGLEPTKKDSQSSVSENVSNSGINSA
EIDSSQIITSPLPSVSSPPPASKTKEVPDGENLEQDLCTFLISRACKNSTLANYLYWYVIVECEDQDTQQRDPKTHEMYL
NVMRRFSQALLKGDKSVRVMRSLLAAQQTFVDRLVHLMKAVQRESGNRKKKNERLQALLGDNEKMNLSDVELIPLPLEPQ
VKIRGIIPETATLFKSALMPAQLFFKTEDGGKYPVIFKHGDDLRQDQLILQIISLMDKLLRKENLDLKLTPYKVLATSTK
HGFMQFIQSVPVAEVLDTEGSIQNFFRKYAPSENGPNGISAEVMDTYVKSCAGYCVITYILGVGDRHLDNLLLTKTGKLF
HIDFGYILGRDPKPLPPPMKLNKEMVEGMGGTQSEQYQEFRKQCYTAFLHLRRYSNLILNLFSLMVDANIPDIALEPDKT
VKKVQDKFRLDLSDEEAVHYMQSLIDESVHALFAAVVEQIH
;
_entity_poly.pdbx_strand_id   A
#
# COMPACT_ATOMS: atom_id res chain seq x y z
N LEU A 8 -28.56 -33.99 6.35
CA LEU A 8 -27.14 -33.92 6.71
C LEU A 8 -26.21 -33.87 5.45
N LYS A 9 -26.10 -35.00 4.70
CA LYS A 9 -25.27 -35.04 3.50
C LYS A 9 -26.13 -34.81 2.25
N PRO A 10 -25.73 -33.87 1.35
CA PRO A 10 -26.53 -33.66 0.14
C PRO A 10 -26.23 -34.69 -0.96
N ASN A 11 -27.11 -34.74 -1.99
CA ASN A 11 -26.93 -35.62 -3.13
C ASN A 11 -25.82 -35.05 -4.07
N ALA A 12 -25.44 -35.81 -5.10
CA ALA A 12 -24.40 -35.44 -6.05
C ALA A 12 -24.64 -34.14 -6.80
N ALA A 13 -25.89 -33.94 -7.29
CA ALA A 13 -26.30 -32.75 -8.03
C ALA A 13 -26.29 -31.51 -7.14
N THR A 14 -26.64 -31.69 -5.86
CA THR A 14 -26.66 -30.62 -4.86
C THR A 14 -25.23 -30.30 -4.46
N ARG A 15 -24.36 -31.34 -4.25
CA ARG A 15 -22.92 -31.18 -3.96
C ARG A 15 -22.26 -30.33 -5.03
N ASP A 16 -22.68 -30.47 -6.31
CA ASP A 16 -22.12 -29.70 -7.42
C ASP A 16 -22.61 -28.26 -7.41
N GLN A 17 -23.91 -28.06 -7.10
CA GLN A 17 -24.58 -26.75 -6.99
C GLN A 17 -23.93 -25.88 -5.90
N LEU A 18 -23.59 -26.51 -4.75
CA LEU A 18 -22.92 -25.86 -3.62
C LEU A 18 -21.49 -25.47 -3.99
N ASN A 19 -20.80 -26.31 -4.78
CA ASN A 19 -19.43 -26.07 -5.25
C ASN A 19 -19.37 -24.85 -6.14
N ILE A 20 -20.42 -24.62 -6.99
CA ILE A 20 -20.57 -23.47 -7.88
C ILE A 20 -20.51 -22.21 -7.01
N ILE A 21 -21.43 -22.14 -6.00
CA ILE A 21 -21.58 -21.06 -5.03
C ILE A 21 -20.27 -20.77 -4.27
N VAL A 22 -19.67 -21.81 -3.65
CA VAL A 22 -18.42 -21.73 -2.86
C VAL A 22 -17.30 -21.01 -3.62
N SER A 23 -17.26 -21.22 -4.94
CA SER A 23 -16.27 -20.57 -5.80
C SER A 23 -16.89 -19.49 -6.71
N TYR A 24 -17.52 -18.48 -6.07
CA TYR A 24 -18.07 -17.26 -6.69
C TYR A 24 -17.02 -16.15 -6.38
N PRO A 25 -16.96 -15.01 -7.12
CA PRO A 25 -16.00 -13.96 -6.72
C PRO A 25 -16.51 -13.22 -5.47
N PRO A 26 -15.66 -12.48 -4.71
CA PRO A 26 -16.15 -11.86 -3.46
C PRO A 26 -17.23 -10.77 -3.62
N THR A 27 -17.23 -10.02 -4.73
CA THR A 27 -18.20 -8.94 -4.99
C THR A 27 -19.59 -9.50 -5.36
N LYS A 28 -19.68 -10.79 -5.77
CA LYS A 28 -20.95 -11.44 -6.11
C LYS A 28 -21.80 -11.70 -4.84
N GLN A 29 -23.07 -11.27 -4.88
CA GLN A 29 -24.01 -11.46 -3.77
C GLN A 29 -24.86 -12.71 -3.94
N LEU A 30 -24.90 -13.54 -2.90
CA LEU A 30 -25.70 -14.76 -2.85
C LEU A 30 -27.20 -14.38 -2.80
N THR A 31 -28.05 -15.10 -3.52
CA THR A 31 -29.49 -14.82 -3.49
C THR A 31 -30.09 -15.39 -2.18
N TYR A 32 -31.34 -14.98 -1.83
CA TYR A 32 -31.96 -15.44 -0.59
C TYR A 32 -32.16 -16.96 -0.56
N GLU A 33 -32.50 -17.55 -1.74
CA GLU A 33 -32.66 -19.00 -1.92
C GLU A 33 -31.29 -19.69 -2.01
N GLU A 34 -30.30 -19.01 -2.63
CA GLU A 34 -28.91 -19.45 -2.76
C GLU A 34 -28.34 -19.64 -1.36
N GLN A 35 -28.59 -18.66 -0.46
CA GLN A 35 -28.17 -18.68 0.94
C GLN A 35 -28.93 -19.75 1.73
N ASP A 36 -30.23 -19.94 1.42
CA ASP A 36 -31.09 -20.94 2.07
C ASP A 36 -30.56 -22.35 1.92
N LEU A 37 -29.95 -22.62 0.76
CA LEU A 37 -29.34 -23.90 0.44
C LEU A 37 -28.03 -24.10 1.25
N VAL A 38 -27.14 -23.08 1.20
CA VAL A 38 -25.85 -23.04 1.91
C VAL A 38 -26.08 -23.20 3.43
N TRP A 39 -27.15 -22.56 3.94
CA TRP A 39 -27.53 -22.63 5.35
C TRP A 39 -27.96 -24.04 5.75
N LYS A 40 -28.66 -24.75 4.86
CA LYS A 40 -29.16 -26.10 5.12
C LYS A 40 -28.02 -27.12 5.22
N PHE A 41 -27.03 -27.04 4.28
CA PHE A 41 -25.89 -27.97 4.22
C PHE A 41 -24.62 -27.40 4.85
N ARG A 42 -24.79 -26.45 5.79
CA ARG A 42 -23.71 -25.79 6.54
C ARG A 42 -22.78 -26.76 7.29
N TYR A 43 -23.31 -27.92 7.74
CA TYR A 43 -22.51 -28.92 8.45
C TYR A 43 -21.64 -29.69 7.47
N TYR A 44 -22.15 -29.98 6.27
CA TYR A 44 -21.38 -30.70 5.24
C TYR A 44 -20.24 -29.82 4.74
N LEU A 45 -20.51 -28.51 4.61
CA LEU A 45 -19.59 -27.49 4.10
C LEU A 45 -18.41 -27.22 5.01
N THR A 46 -18.47 -27.70 6.27
CA THR A 46 -17.47 -27.61 7.35
C THR A 46 -16.08 -27.99 6.89
N ASN A 47 -15.98 -29.02 6.02
CA ASN A 47 -14.72 -29.54 5.45
C ASN A 47 -14.15 -28.67 4.33
N GLN A 48 -14.89 -27.62 3.94
CA GLN A 48 -14.48 -26.67 2.92
C GLN A 48 -14.24 -25.30 3.55
N GLU A 49 -12.96 -24.95 3.66
CA GLU A 49 -12.45 -23.71 4.21
C GLU A 49 -12.97 -22.50 3.38
N LYS A 50 -13.00 -22.64 2.04
CA LYS A 50 -13.45 -21.58 1.12
C LYS A 50 -14.97 -21.40 1.14
N ALA A 51 -15.68 -22.30 1.84
CA ALA A 51 -17.13 -22.22 1.98
C ALA A 51 -17.51 -21.29 3.14
N LEU A 52 -16.65 -21.22 4.19
CA LEU A 52 -16.84 -20.37 5.38
C LEU A 52 -17.27 -18.93 5.07
N THR A 53 -16.58 -18.29 4.12
CA THR A 53 -16.80 -16.97 3.60
C THR A 53 -18.25 -16.83 3.15
N LYS A 54 -18.70 -17.78 2.29
CA LYS A 54 -20.06 -17.86 1.72
C LYS A 54 -21.09 -18.12 2.82
N PHE A 55 -20.72 -18.96 3.81
CA PHE A 55 -21.55 -19.30 4.95
C PHE A 55 -21.87 -18.06 5.82
N LEU A 56 -20.83 -17.28 6.19
CA LEU A 56 -20.95 -16.08 7.04
C LEU A 56 -21.75 -14.96 6.34
N LYS A 57 -21.80 -15.00 4.99
CA LYS A 57 -22.61 -14.09 4.17
C LYS A 57 -24.12 -14.46 4.26
N CYS A 58 -24.48 -15.64 4.81
CA CYS A 58 -25.87 -16.12 4.95
C CYS A 58 -26.52 -15.71 6.30
N VAL A 59 -25.69 -15.28 7.27
CA VAL A 59 -26.10 -14.95 8.62
C VAL A 59 -26.58 -13.51 8.75
N ASN A 60 -27.68 -13.33 9.52
CA ASN A 60 -28.22 -12.03 9.88
C ASN A 60 -27.84 -11.84 11.36
N TRP A 61 -26.77 -11.08 11.57
CA TRP A 61 -26.15 -10.84 12.87
C TRP A 61 -27.07 -10.01 13.80
N ASP A 62 -28.21 -9.54 13.27
CA ASP A 62 -29.16 -8.77 14.06
C ASP A 62 -30.18 -9.71 14.72
N LEU A 63 -30.16 -11.00 14.31
CA LEU A 63 -30.97 -12.08 14.83
C LEU A 63 -30.05 -12.83 15.85
N PRO A 64 -30.16 -12.56 17.18
CA PRO A 64 -29.22 -13.17 18.16
C PRO A 64 -29.00 -14.68 18.08
N GLN A 65 -30.08 -15.47 17.88
CA GLN A 65 -29.96 -16.92 17.79
C GLN A 65 -29.25 -17.37 16.50
N GLU A 66 -29.46 -16.68 15.35
CA GLU A 66 -28.78 -17.01 14.08
C GLU A 66 -27.27 -16.78 14.25
N ALA A 67 -26.91 -15.62 14.84
CA ALA A 67 -25.54 -15.24 15.17
C ALA A 67 -24.93 -16.31 16.08
N LYS A 68 -25.62 -16.65 17.19
CA LYS A 68 -25.23 -17.70 18.14
C LYS A 68 -24.97 -19.05 17.40
N GLN A 69 -25.94 -19.50 16.57
CA GLN A 69 -25.89 -20.72 15.73
C GLN A 69 -24.63 -20.77 14.87
N ALA A 70 -24.39 -19.66 14.13
CA ALA A 70 -23.25 -19.43 13.25
C ALA A 70 -21.90 -19.58 13.97
N LEU A 71 -21.76 -18.94 15.15
CA LEU A 71 -20.54 -18.98 15.95
C LEU A 71 -20.22 -20.35 16.49
N GLU A 72 -21.23 -21.25 16.60
CA GLU A 72 -20.96 -22.61 17.06
C GLU A 72 -20.27 -23.34 15.92
N LEU A 73 -20.76 -23.11 14.67
CA LEU A 73 -20.20 -23.66 13.45
C LEU A 73 -18.81 -23.13 13.11
N LEU A 74 -18.52 -21.87 13.48
CA LEU A 74 -17.24 -21.20 13.28
C LEU A 74 -16.11 -21.96 13.99
N GLY A 75 -16.39 -22.38 15.23
CA GLY A 75 -15.45 -23.14 16.05
C GLY A 75 -15.27 -24.58 15.59
N LYS A 76 -16.25 -25.10 14.83
CA LYS A 76 -16.26 -26.47 14.30
C LYS A 76 -15.78 -26.53 12.83
N TRP A 77 -15.70 -25.36 12.15
CA TRP A 77 -15.29 -25.20 10.75
C TRP A 77 -13.80 -25.43 10.56
N LYS A 78 -13.40 -25.76 9.30
CA LYS A 78 -12.02 -25.94 8.87
C LYS A 78 -11.32 -24.59 9.03
N PRO A 79 -10.18 -24.52 9.80
CA PRO A 79 -9.53 -23.22 10.04
C PRO A 79 -9.23 -22.45 8.77
N MET A 80 -9.61 -21.16 8.73
CA MET A 80 -9.50 -20.33 7.53
C MET A 80 -8.08 -19.81 7.25
N ASP A 81 -7.88 -19.29 6.03
CA ASP A 81 -6.63 -18.73 5.53
C ASP A 81 -6.38 -17.38 6.17
N VAL A 82 -5.12 -16.93 6.16
CA VAL A 82 -4.75 -15.61 6.66
C VAL A 82 -5.31 -14.57 5.68
N GLU A 83 -5.29 -14.88 4.37
CA GLU A 83 -5.88 -14.01 3.34
C GLU A 83 -7.44 -13.90 3.52
N ASP A 84 -8.11 -15.02 3.87
CA ASP A 84 -9.56 -15.10 4.12
C ASP A 84 -9.95 -14.37 5.41
N SER A 85 -9.08 -14.38 6.44
CA SER A 85 -9.33 -13.74 7.74
C SER A 85 -9.41 -12.20 7.64
N LEU A 86 -8.83 -11.63 6.58
CA LEU A 86 -8.87 -10.20 6.31
C LEU A 86 -10.27 -9.73 5.91
N GLU A 87 -11.13 -10.67 5.43
CA GLU A 87 -12.53 -10.42 5.08
C GLU A 87 -13.39 -10.27 6.36
N LEU A 88 -13.07 -11.05 7.41
CA LEU A 88 -13.80 -11.00 8.68
C LEU A 88 -13.49 -9.74 9.49
N LEU A 89 -12.50 -8.94 9.08
CA LEU A 89 -12.14 -7.67 9.76
C LEU A 89 -12.66 -6.44 9.02
N SER A 90 -13.33 -6.67 7.87
CA SER A 90 -13.96 -5.61 7.10
C SER A 90 -15.22 -5.06 7.84
N SER A 91 -15.83 -4.00 7.27
CA SER A 91 -17.03 -3.37 7.83
C SER A 91 -18.22 -4.33 7.79
N HIS A 92 -18.15 -5.37 6.96
CA HIS A 92 -19.20 -6.35 6.70
C HIS A 92 -19.45 -7.29 7.87
N TYR A 93 -18.53 -7.33 8.85
CA TYR A 93 -18.61 -8.19 10.04
C TYR A 93 -18.18 -7.39 11.26
N THR A 94 -19.12 -7.12 12.19
CA THR A 94 -18.83 -6.35 13.41
C THR A 94 -19.10 -7.15 14.70
N ASN A 95 -19.55 -8.42 14.56
CA ASN A 95 -19.78 -9.28 15.72
C ASN A 95 -18.45 -9.58 16.41
N PRO A 96 -18.37 -9.28 17.72
CA PRO A 96 -17.10 -9.46 18.45
C PRO A 96 -16.41 -10.82 18.33
N THR A 97 -17.14 -11.96 18.37
CA THR A 97 -16.51 -13.30 18.31
C THR A 97 -15.90 -13.58 16.92
N VAL A 98 -16.62 -13.18 15.85
CA VAL A 98 -16.19 -13.34 14.45
C VAL A 98 -14.83 -12.62 14.30
N ARG A 99 -14.77 -11.36 14.76
CA ARG A 99 -13.59 -10.51 14.68
C ARG A 99 -12.42 -11.04 15.53
N ARG A 100 -12.70 -11.85 16.58
CA ARG A 100 -11.67 -12.48 17.43
C ARG A 100 -11.11 -13.65 16.64
N TYR A 101 -11.97 -14.38 15.89
CA TYR A 101 -11.59 -15.51 15.06
C TYR A 101 -10.60 -15.05 14.00
N ALA A 102 -10.90 -13.92 13.30
CA ALA A 102 -10.03 -13.31 12.30
C ALA A 102 -8.64 -13.05 12.89
N VAL A 103 -8.60 -12.41 14.08
CA VAL A 103 -7.37 -12.11 14.85
C VAL A 103 -6.64 -13.40 15.24
N ALA A 104 -7.38 -14.47 15.61
CA ALA A 104 -6.77 -15.74 16.00
C ALA A 104 -6.00 -16.34 14.81
N ARG A 105 -6.54 -16.15 13.59
CA ARG A 105 -5.90 -16.61 12.35
C ARG A 105 -4.69 -15.74 11.97
N LEU A 106 -4.68 -14.47 12.40
CA LEU A 106 -3.55 -13.56 12.15
C LEU A 106 -2.44 -13.81 13.13
N ARG A 107 -2.76 -14.45 14.26
CA ARG A 107 -1.77 -14.79 15.27
C ARG A 107 -0.84 -15.91 14.70
N GLN A 108 -1.30 -16.55 13.60
CA GLN A 108 -0.62 -17.65 12.93
C GLN A 108 0.37 -17.15 11.89
N ALA A 109 0.16 -15.93 11.36
CA ALA A 109 1.02 -15.28 10.36
C ALA A 109 2.36 -14.81 10.94
N ASP A 110 3.32 -14.57 10.05
CA ASP A 110 4.67 -14.06 10.34
C ASP A 110 4.53 -12.55 10.36
N ASP A 111 5.51 -11.85 10.97
CA ASP A 111 5.50 -10.39 10.99
C ASP A 111 5.73 -9.83 9.58
N GLU A 112 6.41 -10.61 8.71
CA GLU A 112 6.70 -10.24 7.34
C GLU A 112 5.42 -10.08 6.54
N ASP A 113 4.44 -10.96 6.80
CA ASP A 113 3.12 -10.94 6.18
C ASP A 113 2.24 -9.92 6.86
N LEU A 114 2.24 -9.87 8.21
CA LEU A 114 1.49 -8.88 8.99
C LEU A 114 1.82 -7.46 8.56
N LEU A 115 3.08 -7.23 8.19
CA LEU A 115 3.54 -5.94 7.70
C LEU A 115 2.97 -5.59 6.33
N MET A 116 2.71 -6.63 5.50
CA MET A 116 2.13 -6.50 4.16
C MET A 116 0.69 -5.98 4.27
N TYR A 117 -0.01 -6.30 5.39
CA TYR A 117 -1.42 -5.97 5.58
C TYR A 117 -1.68 -4.89 6.66
N LEU A 118 -0.64 -4.43 7.38
CA LEU A 118 -0.76 -3.47 8.50
C LEU A 118 -1.50 -2.14 8.18
N LEU A 119 -1.39 -1.61 6.95
CA LEU A 119 -2.03 -0.36 6.52
C LEU A 119 -3.52 -0.47 6.65
N GLN A 120 -4.06 -1.63 6.21
CA GLN A 120 -5.45 -2.06 6.21
C GLN A 120 -5.90 -2.51 7.59
N LEU A 121 -5.01 -3.15 8.37
CA LEU A 121 -5.31 -3.62 9.72
C LEU A 121 -5.54 -2.43 10.66
N VAL A 122 -4.76 -1.35 10.47
CA VAL A 122 -4.90 -0.11 11.26
C VAL A 122 -6.28 0.50 10.94
N GLN A 123 -6.71 0.38 9.67
CA GLN A 123 -8.00 0.85 9.21
C GLN A 123 -9.14 0.02 9.81
N ALA A 124 -8.91 -1.30 9.97
CA ALA A 124 -9.89 -2.23 10.51
C ALA A 124 -10.29 -1.95 11.96
N LEU A 125 -9.53 -1.09 12.66
CA LEU A 125 -9.84 -0.67 14.03
C LEU A 125 -11.13 0.19 14.04
N LYS A 126 -11.50 0.77 12.88
CA LYS A 126 -12.73 1.57 12.75
C LYS A 126 -13.99 0.72 12.99
N TYR A 127 -13.90 -0.60 12.74
CA TYR A 127 -15.02 -1.53 12.86
C TYR A 127 -14.99 -2.32 14.15
N GLU A 128 -13.97 -2.03 14.97
CA GLU A 128 -13.75 -2.68 16.26
C GLU A 128 -14.60 -2.05 17.39
N ASN A 129 -14.60 -2.67 18.59
CA ASN A 129 -15.34 -2.16 19.76
C ASN A 129 -14.55 -1.03 20.47
N PHE A 130 -15.03 0.22 20.34
CA PHE A 130 -14.41 1.42 20.90
C PHE A 130 -14.32 1.46 22.43
N ASP A 131 -15.26 0.78 23.13
CA ASP A 131 -15.27 0.72 24.59
C ASP A 131 -14.24 -0.27 25.09
N ASP A 132 -14.14 -1.44 24.43
CA ASP A 132 -13.17 -2.45 24.82
C ASP A 132 -11.75 -1.88 24.69
N ILE A 133 -11.53 -0.96 23.71
CA ILE A 133 -10.27 -0.25 23.47
C ILE A 133 -10.02 0.80 24.57
N LYS A 134 -11.08 1.56 24.99
CA LYS A 134 -11.00 2.57 26.06
C LYS A 134 -10.72 1.93 27.43
N ASN A 135 -11.43 0.83 27.74
CA ASN A 135 -11.29 0.10 29.01
C ASN A 135 -9.93 -0.59 29.12
N GLY A 136 -9.11 -0.43 28.09
CA GLY A 136 -7.75 -0.99 28.04
C GLY A 136 -6.74 -0.07 28.70
N LEU A 137 -7.11 1.20 28.91
CA LEU A 137 -6.27 2.20 29.54
C LEU A 137 -6.21 1.98 31.05
N GLU A 138 -5.01 1.63 31.54
CA GLU A 138 -4.72 1.42 32.95
C GLU A 138 -4.59 2.80 33.65
N PRO A 139 -5.04 2.96 34.91
CA PRO A 139 -4.90 4.27 35.58
C PRO A 139 -3.54 4.47 36.23
N ILE A 157 -12.51 15.23 29.35
CA ILE A 157 -11.69 16.15 28.54
C ILE A 157 -12.19 16.28 27.08
N ASN A 158 -11.72 17.36 26.44
CA ASN A 158 -11.90 17.73 25.04
C ASN A 158 -10.78 16.94 24.28
N SER A 159 -11.15 16.20 23.20
CA SER A 159 -10.18 15.42 22.42
C SER A 159 -9.17 16.33 21.71
N ALA A 160 -9.58 17.58 21.38
CA ALA A 160 -8.75 18.61 20.75
C ALA A 160 -7.64 19.07 21.70
N GLU A 161 -7.87 18.96 23.03
CA GLU A 161 -6.91 19.29 24.09
C GLU A 161 -5.78 18.23 24.17
N ILE A 162 -5.98 17.04 23.54
CA ILE A 162 -5.00 15.93 23.48
C ILE A 162 -4.36 15.89 22.10
N ASP A 163 -3.11 16.36 22.00
CA ASP A 163 -2.37 16.35 20.75
C ASP A 163 -1.76 14.96 20.57
N SER A 164 -2.15 14.28 19.49
CA SER A 164 -1.72 12.95 19.11
C SER A 164 -0.18 12.86 19.01
N SER A 165 0.43 13.90 18.39
CA SER A 165 1.89 14.04 18.21
C SER A 165 2.63 14.42 19.50
N GLN A 166 1.94 14.27 20.67
CA GLN A 166 2.43 14.54 22.01
C GLN A 166 2.21 13.40 23.01
N ILE A 167 1.54 12.31 22.61
CA ILE A 167 1.31 11.17 23.51
C ILE A 167 2.65 10.45 23.86
N ILE A 168 3.37 9.98 22.81
CA ILE A 168 4.65 9.27 22.91
C ILE A 168 5.78 10.22 23.37
N THR A 169 5.63 11.56 23.16
CA THR A 169 6.64 12.53 23.59
C THR A 169 6.40 13.05 25.01
N SER A 170 5.24 12.74 25.60
CA SER A 170 4.93 13.15 26.96
C SER A 170 4.69 11.93 27.87
N PRO A 171 5.75 11.13 28.17
CA PRO A 171 5.54 9.96 29.05
C PRO A 171 5.36 10.35 30.52
N LEU A 172 4.35 9.77 31.15
CA LEU A 172 4.01 10.03 32.54
C LEU A 172 4.90 9.27 33.52
N PRO A 173 5.31 9.90 34.66
CA PRO A 173 6.17 9.18 35.63
C PRO A 173 5.38 8.22 36.52
N ASN A 192 -7.91 -19.43 22.98
CA ASN A 192 -7.57 -19.21 21.57
C ASN A 192 -7.99 -17.84 21.04
N LEU A 193 -9.27 -17.46 21.27
CA LEU A 193 -9.90 -16.20 20.83
C LEU A 193 -9.98 -15.16 21.98
N GLU A 194 -8.83 -14.85 22.59
CA GLU A 194 -8.75 -13.93 23.73
C GLU A 194 -8.55 -12.45 23.33
N GLN A 195 -7.66 -12.17 22.36
CA GLN A 195 -7.34 -10.80 21.95
C GLN A 195 -8.30 -10.22 20.93
N ASP A 196 -8.46 -8.89 20.93
CA ASP A 196 -9.17 -8.12 19.92
C ASP A 196 -8.05 -7.57 19.01
N LEU A 197 -8.39 -6.87 17.91
CA LEU A 197 -7.39 -6.35 16.98
C LEU A 197 -6.41 -5.40 17.64
N CYS A 198 -6.89 -4.41 18.42
CA CYS A 198 -6.04 -3.43 19.11
C CYS A 198 -4.98 -4.08 19.97
N THR A 199 -5.40 -4.99 20.88
CA THR A 199 -4.52 -5.72 21.78
C THR A 199 -3.43 -6.40 20.98
N PHE A 200 -3.84 -7.19 19.97
CA PHE A 200 -2.96 -7.97 19.09
C PHE A 200 -1.86 -7.13 18.42
N LEU A 201 -2.25 -6.00 17.77
CA LEU A 201 -1.29 -5.18 17.03
C LEU A 201 -0.20 -4.60 17.95
N ILE A 202 -0.60 -4.15 19.15
CA ILE A 202 0.33 -3.62 20.15
C ILE A 202 1.24 -4.75 20.66
N SER A 203 0.64 -5.92 20.98
CA SER A 203 1.31 -7.10 21.49
C SER A 203 2.53 -7.42 20.61
N ARG A 204 2.29 -7.56 19.28
CA ARG A 204 3.28 -7.86 18.24
C ARG A 204 4.27 -6.71 17.98
N ALA A 205 3.78 -5.44 18.11
CA ALA A 205 4.61 -4.26 17.91
C ALA A 205 5.67 -4.13 19.01
N CYS A 206 5.44 -4.71 20.20
CA CYS A 206 6.43 -4.63 21.25
C CYS A 206 7.54 -5.61 21.01
N LYS A 207 7.21 -6.79 20.46
CA LYS A 207 8.20 -7.81 20.13
C LYS A 207 9.02 -7.43 18.86
N ASN A 208 8.48 -6.57 17.98
CA ASN A 208 9.13 -6.19 16.73
C ASN A 208 9.22 -4.68 16.51
N SER A 209 10.45 -4.14 16.38
CA SER A 209 10.66 -2.70 16.20
C SER A 209 10.16 -2.15 14.86
N THR A 210 10.33 -2.90 13.73
CA THR A 210 9.87 -2.44 12.41
C THR A 210 8.35 -2.21 12.44
N LEU A 211 7.60 -3.22 12.92
CA LEU A 211 6.14 -3.23 13.03
C LEU A 211 5.63 -2.06 13.87
N ALA A 212 6.30 -1.80 15.01
CA ALA A 212 5.97 -0.69 15.89
C ALA A 212 6.07 0.65 15.16
N ASN A 213 7.16 0.87 14.40
CA ASN A 213 7.39 2.10 13.64
C ASN A 213 6.22 2.40 12.73
N TYR A 214 5.80 1.41 11.93
CA TYR A 214 4.65 1.59 11.04
C TYR A 214 3.34 1.69 11.79
N LEU A 215 3.09 0.81 12.78
CA LEU A 215 1.87 0.92 13.57
C LEU A 215 1.70 2.34 14.11
N TYR A 216 2.78 2.91 14.71
CA TYR A 216 2.81 4.26 15.26
C TYR A 216 2.36 5.30 14.24
N TRP A 217 3.09 5.40 13.13
CA TRP A 217 2.82 6.39 12.10
C TRP A 217 1.47 6.21 11.42
N TYR A 218 1.06 4.95 11.20
CA TYR A 218 -0.25 4.62 10.64
C TYR A 218 -1.36 5.10 11.63
N VAL A 219 -1.13 4.99 12.94
CA VAL A 219 -2.12 5.42 13.93
C VAL A 219 -2.06 6.97 14.08
N ILE A 220 -0.84 7.58 14.00
CA ILE A 220 -0.60 9.02 14.07
C ILE A 220 -1.37 9.76 12.99
N VAL A 221 -1.37 9.24 11.76
CA VAL A 221 -2.06 9.85 10.61
C VAL A 221 -3.57 9.65 10.76
N GLU A 222 -4.00 8.55 11.41
CA GLU A 222 -5.42 8.30 11.62
C GLU A 222 -6.00 9.27 12.70
N CYS A 223 -5.15 9.72 13.64
CA CYS A 223 -5.48 10.71 14.67
C CYS A 223 -5.51 12.10 14.03
N GLU A 224 -4.52 12.41 13.19
CA GLU A 224 -4.35 13.68 12.47
C GLU A 224 -5.45 13.96 11.42
N ASP A 225 -6.27 12.92 11.04
CA ASP A 225 -7.34 13.05 10.04
C ASP A 225 -8.44 13.98 10.54
N GLN A 226 -8.56 15.13 9.86
CA GLN A 226 -9.53 16.17 10.18
C GLN A 226 -10.95 15.81 9.78
N ASP A 227 -11.15 15.06 8.69
CA ASP A 227 -12.47 14.60 8.26
C ASP A 227 -13.07 13.61 9.31
N THR A 228 -12.23 12.70 9.86
CA THR A 228 -12.62 11.75 10.90
C THR A 228 -12.97 12.49 12.19
N GLN A 229 -12.13 13.45 12.60
CA GLN A 229 -12.31 14.30 13.80
C GLN A 229 -13.66 15.03 13.77
N GLN A 230 -13.98 15.64 12.62
CA GLN A 230 -15.21 16.40 12.40
C GLN A 230 -16.42 15.50 12.20
N ARG A 231 -16.40 14.61 11.19
CA ARG A 231 -17.53 13.73 10.89
C ARG A 231 -17.74 12.61 11.93
N ASP A 232 -16.67 11.92 12.39
CA ASP A 232 -16.82 10.88 13.43
C ASP A 232 -15.89 11.10 14.63
N PRO A 233 -16.33 11.93 15.60
CA PRO A 233 -15.48 12.23 16.78
C PRO A 233 -15.13 11.01 17.65
N LYS A 234 -16.09 10.06 17.81
CA LYS A 234 -15.94 8.83 18.57
C LYS A 234 -14.84 7.92 17.96
N THR A 235 -14.66 7.96 16.59
CA THR A 235 -13.63 7.24 15.85
C THR A 235 -12.25 7.87 16.12
N HIS A 236 -12.19 9.22 16.08
CA HIS A 236 -10.98 9.98 16.38
C HIS A 236 -10.52 9.70 17.83
N GLU A 237 -11.47 9.64 18.78
CA GLU A 237 -11.16 9.34 20.18
C GLU A 237 -10.54 7.97 20.28
N MET A 238 -11.08 6.98 19.53
CA MET A 238 -10.58 5.60 19.50
C MET A 238 -9.08 5.51 19.10
N TYR A 239 -8.69 6.12 17.95
CA TYR A 239 -7.30 6.12 17.47
C TYR A 239 -6.34 6.71 18.49
N LEU A 240 -6.80 7.76 19.23
CA LEU A 240 -6.07 8.42 20.33
C LEU A 240 -5.90 7.38 21.45
N ASN A 241 -6.98 6.62 21.77
CA ASN A 241 -6.94 5.57 22.80
C ASN A 241 -6.02 4.41 22.39
N VAL A 242 -5.90 4.15 21.08
CA VAL A 242 -4.97 3.12 20.56
C VAL A 242 -3.54 3.64 20.77
N MET A 243 -3.31 4.94 20.55
CA MET A 243 -2.01 5.55 20.71
C MET A 243 -1.57 5.58 22.18
N ARG A 244 -2.50 5.95 23.09
CA ARG A 244 -2.26 6.00 24.53
C ARG A 244 -2.01 4.57 25.04
N ARG A 245 -2.77 3.59 24.48
CA ARG A 245 -2.60 2.19 24.84
C ARG A 245 -1.22 1.72 24.43
N PHE A 246 -0.80 2.00 23.17
CA PHE A 246 0.53 1.69 22.62
C PHE A 246 1.63 2.35 23.46
N SER A 247 1.47 3.68 23.78
CA SER A 247 2.45 4.39 24.60
C SER A 247 2.63 3.69 25.94
N GLN A 248 1.51 3.43 26.65
CA GLN A 248 1.42 2.75 27.95
C GLN A 248 2.07 1.37 27.91
N ALA A 249 1.76 0.59 26.85
CA ALA A 249 2.25 -0.77 26.63
C ALA A 249 3.76 -0.82 26.57
N LEU A 250 4.37 0.18 25.86
CA LEU A 250 5.81 0.33 25.71
C LEU A 250 6.46 0.62 27.06
N LEU A 251 5.92 1.62 27.80
CA LEU A 251 6.42 2.01 29.12
C LEU A 251 6.43 0.83 30.16
N LYS A 252 5.42 -0.08 30.07
CA LYS A 252 5.31 -1.30 30.89
C LYS A 252 6.30 -2.38 30.43
N GLY A 253 6.90 -2.24 29.24
CA GLY A 253 7.83 -3.20 28.67
C GLY A 253 9.19 -3.30 29.33
N ASP A 254 10.14 -4.09 28.73
CA ASP A 254 11.52 -4.26 29.22
C ASP A 254 12.46 -3.16 28.68
N LYS A 255 13.77 -3.23 29.00
CA LYS A 255 14.77 -2.22 28.60
C LYS A 255 14.71 -1.83 27.12
N SER A 256 14.62 -2.84 26.24
CA SER A 256 14.54 -2.70 24.77
C SER A 256 13.22 -2.10 24.29
N VAL A 257 12.07 -2.49 24.91
CA VAL A 257 10.71 -1.99 24.63
C VAL A 257 10.60 -0.50 25.02
N ARG A 258 11.06 -0.16 26.23
CA ARG A 258 11.11 1.20 26.78
C ARG A 258 11.94 2.16 25.88
N VAL A 259 13.03 1.65 25.29
CA VAL A 259 13.87 2.39 24.35
C VAL A 259 13.09 2.66 23.01
N MET A 260 12.25 1.71 22.56
CA MET A 260 11.40 1.87 21.37
C MET A 260 10.56 3.14 21.49
N ARG A 261 10.00 3.39 22.71
CA ARG A 261 9.21 4.59 23.02
C ARG A 261 10.05 5.86 22.88
N SER A 262 11.32 5.84 23.31
CA SER A 262 12.21 7.00 23.20
C SER A 262 12.43 7.29 21.72
N LEU A 263 12.87 6.28 20.95
CA LEU A 263 13.12 6.38 19.52
C LEU A 263 11.91 6.92 18.74
N LEU A 264 10.70 6.43 19.05
CA LEU A 264 9.44 6.86 18.44
C LEU A 264 9.17 8.32 18.71
N ALA A 265 9.44 8.76 19.96
CA ALA A 265 9.35 10.14 20.41
C ALA A 265 10.41 11.01 19.69
N ALA A 266 11.64 10.46 19.47
CA ALA A 266 12.75 11.14 18.79
C ALA A 266 12.42 11.37 17.34
N GLN A 267 11.70 10.39 16.72
CA GLN A 267 11.27 10.47 15.33
C GLN A 267 10.21 11.57 15.21
N GLN A 268 9.17 11.49 16.08
CA GLN A 268 8.09 12.48 16.12
C GLN A 268 8.68 13.87 16.18
N THR A 269 9.57 14.11 17.14
CA THR A 269 10.29 15.36 17.33
C THR A 269 11.04 15.83 16.06
N PHE A 270 11.77 14.90 15.39
CA PHE A 270 12.51 15.20 14.16
C PHE A 270 11.56 15.69 13.07
N VAL A 271 10.45 14.94 12.84
CA VAL A 271 9.43 15.27 11.83
C VAL A 271 8.86 16.65 12.10
N ASP A 272 8.46 16.89 13.36
CA ASP A 272 7.94 18.15 13.90
C ASP A 272 8.84 19.33 13.53
N ARG A 273 10.16 19.16 13.69
CA ARG A 273 11.15 20.18 13.36
C ARG A 273 11.38 20.33 11.85
N LEU A 274 11.26 19.21 11.08
CA LEU A 274 11.38 19.22 9.62
C LEU A 274 10.20 20.01 9.02
N VAL A 275 9.01 19.81 9.61
CA VAL A 275 7.77 20.50 9.25
C VAL A 275 7.96 22.03 9.42
N HIS A 276 8.46 22.46 10.60
CA HIS A 276 8.72 23.87 10.90
C HIS A 276 9.72 24.47 9.92
N LEU A 277 10.79 23.72 9.59
CA LEU A 277 11.78 24.14 8.60
C LEU A 277 11.08 24.35 7.23
N MET A 278 10.16 23.44 6.82
CA MET A 278 9.40 23.49 5.55
C MET A 278 8.50 24.73 5.50
N LYS A 279 7.66 24.91 6.54
CA LYS A 279 6.79 26.08 6.66
C LYS A 279 7.61 27.36 6.39
N ALA A 280 8.79 27.45 7.04
CA ALA A 280 9.72 28.57 6.92
C ALA A 280 10.18 28.85 5.50
N VAL A 281 10.69 27.82 4.80
CA VAL A 281 11.19 27.88 3.42
C VAL A 281 10.02 28.22 2.47
N GLN A 282 8.83 27.62 2.69
CA GLN A 282 7.65 27.90 1.85
C GLN A 282 7.15 29.37 2.02
N ARG A 283 7.41 29.97 3.21
CA ARG A 283 7.06 31.35 3.56
C ARG A 283 8.11 32.33 3.04
N GLU A 284 9.39 31.88 2.93
CA GLU A 284 10.50 32.70 2.45
C GLU A 284 10.16 33.32 1.11
N SER A 285 10.27 34.65 1.04
CA SER A 285 9.98 35.44 -0.14
C SER A 285 11.19 35.40 -1.06
N GLY A 286 10.96 35.07 -2.33
CA GLY A 286 11.98 34.97 -3.37
C GLY A 286 11.78 33.81 -4.33
N ASN A 287 12.82 33.52 -5.13
CA ASN A 287 12.83 32.42 -6.11
C ASN A 287 13.27 31.09 -5.45
N ARG A 288 13.39 30.01 -6.24
CA ARG A 288 13.83 28.71 -5.74
C ARG A 288 15.25 28.82 -5.20
N LYS A 289 16.09 29.68 -5.80
CA LYS A 289 17.47 29.92 -5.36
C LYS A 289 17.50 30.51 -3.94
N LYS A 290 16.66 31.53 -3.66
CA LYS A 290 16.61 32.13 -2.33
C LYS A 290 16.04 31.15 -1.32
N LYS A 291 15.08 30.30 -1.76
CA LYS A 291 14.43 29.30 -0.91
C LYS A 291 15.40 28.21 -0.48
N ASN A 292 16.20 27.68 -1.42
CA ASN A 292 17.20 26.65 -1.14
C ASN A 292 18.27 27.21 -0.21
N GLU A 293 18.61 28.52 -0.34
CA GLU A 293 19.59 29.17 0.53
C GLU A 293 19.10 29.07 1.96
N ARG A 294 17.82 29.46 2.19
CA ARG A 294 17.11 29.41 3.47
C ARG A 294 16.98 27.96 3.99
N LEU A 295 16.69 27.00 3.08
CA LEU A 295 16.56 25.57 3.43
C LEU A 295 17.88 25.04 4.03
N GLN A 296 18.97 25.25 3.30
CA GLN A 296 20.31 24.83 3.71
C GLN A 296 20.80 25.66 4.91
N ALA A 297 20.42 26.96 4.97
CA ALA A 297 20.79 27.89 6.05
C ALA A 297 20.31 27.35 7.40
N LEU A 298 19.01 27.08 7.49
CA LEU A 298 18.30 26.52 8.63
C LEU A 298 18.80 25.12 8.95
N LEU A 299 19.08 24.30 7.92
CA LEU A 299 19.57 22.92 8.12
C LEU A 299 20.96 22.92 8.74
N GLY A 300 21.80 23.88 8.32
CA GLY A 300 23.15 24.09 8.80
C GLY A 300 23.18 24.60 10.23
N ASP A 301 22.07 25.20 10.71
CA ASP A 301 21.94 25.73 12.07
C ASP A 301 21.43 24.66 13.06
N ASN A 302 22.29 23.70 13.45
CA ASN A 302 21.92 22.62 14.37
C ASN A 302 21.55 23.11 15.77
N GLU A 303 22.23 24.16 16.30
CA GLU A 303 21.88 24.72 17.61
C GLU A 303 20.38 25.14 17.62
N LYS A 304 19.92 25.82 16.54
CA LYS A 304 18.53 26.25 16.36
C LYS A 304 17.58 25.13 15.96
N MET A 305 17.90 24.40 14.87
CA MET A 305 17.05 23.39 14.22
C MET A 305 17.24 21.91 14.64
N ASN A 306 18.48 21.44 14.97
CA ASN A 306 18.78 20.05 15.37
C ASN A 306 18.33 19.01 14.33
N LEU A 307 18.67 19.23 13.05
CA LEU A 307 18.27 18.35 11.95
C LEU A 307 19.47 17.82 11.16
N SER A 308 20.68 18.42 11.36
CA SER A 308 21.90 18.03 10.66
C SER A 308 22.78 17.05 11.43
N ASP A 309 22.74 17.10 12.78
CA ASP A 309 23.47 16.20 13.69
C ASP A 309 22.47 15.71 14.74
N VAL A 310 22.20 14.40 14.74
CA VAL A 310 21.28 13.75 15.70
C VAL A 310 21.84 12.38 16.06
N GLU A 311 21.34 11.77 17.16
CA GLU A 311 21.78 10.43 17.53
C GLU A 311 21.01 9.50 16.61
N LEU A 312 21.59 8.33 16.27
CA LEU A 312 20.97 7.38 15.35
C LEU A 312 19.50 7.04 15.67
N ILE A 313 18.58 7.47 14.76
CA ILE A 313 17.15 7.23 14.91
C ILE A 313 16.58 6.58 13.67
N PRO A 314 15.70 5.56 13.81
CA PRO A 314 15.15 4.91 12.61
C PRO A 314 14.44 5.91 11.73
N LEU A 315 14.75 5.90 10.43
CA LEU A 315 14.12 6.77 9.45
C LEU A 315 12.63 6.38 9.36
N PRO A 316 11.65 7.28 9.63
CA PRO A 316 10.24 6.88 9.55
C PRO A 316 9.88 6.04 8.32
N LEU A 317 10.36 6.49 7.14
CA LEU A 317 10.16 5.88 5.81
C LEU A 317 10.61 4.39 5.70
N GLU A 318 11.82 4.05 6.21
CA GLU A 318 12.42 2.70 6.20
C GLU A 318 13.13 2.50 7.55
N PRO A 319 12.41 2.07 8.62
CA PRO A 319 13.01 2.01 9.96
C PRO A 319 14.21 1.07 10.11
N GLN A 320 14.45 0.24 9.10
CA GLN A 320 15.56 -0.71 9.04
C GLN A 320 16.86 0.08 8.84
N VAL A 321 16.74 1.35 8.40
CA VAL A 321 17.80 2.32 8.15
C VAL A 321 17.85 3.29 9.35
N LYS A 322 19.04 3.47 9.98
CA LYS A 322 19.20 4.43 11.08
C LYS A 322 19.88 5.68 10.54
N ILE A 323 19.42 6.90 10.93
CA ILE A 323 20.00 8.13 10.37
C ILE A 323 20.70 9.05 11.42
N ARG A 324 21.81 9.69 10.96
CA ARG A 324 22.67 10.66 11.66
C ARG A 324 22.18 12.14 11.48
N GLY A 325 21.19 12.37 10.61
CA GLY A 325 20.64 13.69 10.30
C GLY A 325 20.67 13.97 8.81
N ILE A 326 20.31 15.20 8.40
CA ILE A 326 20.26 15.60 6.99
C ILE A 326 21.52 16.39 6.58
N ILE A 327 22.12 16.05 5.41
CA ILE A 327 23.25 16.80 4.87
C ILE A 327 22.68 18.15 4.40
N PRO A 328 23.15 19.28 4.97
CA PRO A 328 22.54 20.57 4.60
C PRO A 328 22.82 21.04 3.18
N GLU A 329 24.09 21.01 2.76
CA GLU A 329 24.56 21.47 1.47
C GLU A 329 23.91 20.80 0.24
N THR A 330 23.47 19.53 0.36
CA THR A 330 22.86 18.78 -0.76
C THR A 330 21.33 18.93 -0.83
N ALA A 331 20.71 19.58 0.16
CA ALA A 331 19.27 19.77 0.21
C ALA A 331 18.80 20.93 -0.66
N THR A 332 17.75 20.66 -1.51
CA THR A 332 17.11 21.63 -2.43
C THR A 332 15.62 21.31 -2.68
N LEU A 333 14.90 22.35 -3.18
CA LEU A 333 13.49 22.30 -3.56
C LEU A 333 13.33 21.87 -5.02
N PHE A 334 12.25 21.11 -5.29
CA PHE A 334 11.93 20.70 -6.65
C PHE A 334 11.23 21.85 -7.35
N LYS A 335 11.27 21.84 -8.70
CA LYS A 335 10.63 22.84 -9.56
C LYS A 335 9.14 23.04 -9.22
N SER A 336 8.44 21.97 -8.73
CA SER A 336 7.02 21.95 -8.31
C SER A 336 6.59 23.16 -7.45
N ALA A 337 5.35 23.61 -7.64
CA ALA A 337 4.75 24.77 -6.96
C ALA A 337 4.47 24.53 -5.49
N LEU A 338 4.35 23.25 -5.09
CA LEU A 338 4.13 22.77 -3.72
C LEU A 338 5.32 23.09 -2.86
N MET A 339 6.50 23.14 -3.50
CA MET A 339 7.81 23.29 -2.91
C MET A 339 8.16 22.04 -2.10
N PRO A 340 8.26 20.85 -2.76
CA PRO A 340 8.72 19.66 -2.03
C PRO A 340 10.26 19.73 -1.91
N ALA A 341 10.87 19.01 -0.98
CA ALA A 341 12.31 19.08 -0.85
C ALA A 341 12.99 17.74 -1.00
N GLN A 342 14.13 17.73 -1.71
CA GLN A 342 15.00 16.55 -1.83
C GLN A 342 16.00 16.66 -0.69
N LEU A 343 16.06 15.63 0.14
CA LEU A 343 16.90 15.66 1.33
C LEU A 343 17.74 14.40 1.40
N PHE A 344 19.03 14.57 1.75
CA PHE A 344 20.00 13.48 1.87
C PHE A 344 20.29 13.15 3.31
N PHE A 345 19.78 11.99 3.73
CA PHE A 345 19.98 11.49 5.07
C PHE A 345 21.30 10.74 5.17
N LYS A 346 22.15 11.11 6.18
CA LYS A 346 23.40 10.41 6.48
C LYS A 346 22.97 9.16 7.25
N THR A 347 23.37 7.98 6.78
CA THR A 347 22.94 6.77 7.45
C THR A 347 24.03 6.25 8.39
N GLU A 348 23.64 5.32 9.27
CA GLU A 348 24.45 4.58 10.25
C GLU A 348 25.83 4.15 9.68
N ASP A 349 25.88 3.69 8.43
CA ASP A 349 27.10 3.18 7.82
C ASP A 349 27.66 4.05 6.65
N GLY A 350 27.68 5.35 6.85
CA GLY A 350 28.22 6.30 5.88
C GLY A 350 27.42 6.51 4.60
N GLY A 351 26.28 5.83 4.48
CA GLY A 351 25.44 5.97 3.31
C GLY A 351 24.73 7.30 3.29
N LYS A 352 24.15 7.61 2.11
CA LYS A 352 23.32 8.79 1.86
C LYS A 352 22.02 8.25 1.29
N TYR A 353 20.89 8.50 2.00
CA TYR A 353 19.55 8.05 1.59
C TYR A 353 18.71 9.25 1.10
N PRO A 354 18.56 9.48 -0.23
CA PRO A 354 17.74 10.60 -0.68
C PRO A 354 16.26 10.33 -0.45
N VAL A 355 15.53 11.40 -0.10
CA VAL A 355 14.09 11.39 0.15
C VAL A 355 13.43 12.62 -0.46
N ILE A 356 12.11 12.54 -0.67
CA ILE A 356 11.32 13.70 -1.09
C ILE A 356 10.44 13.99 0.12
N PHE A 357 10.58 15.18 0.71
CA PHE A 357 9.71 15.54 1.81
C PHE A 357 8.72 16.61 1.32
N LYS A 358 7.44 16.21 1.25
CA LYS A 358 6.35 17.06 0.82
C LYS A 358 5.62 17.60 2.03
N HIS A 359 5.50 18.93 2.13
CA HIS A 359 4.68 19.57 3.16
C HIS A 359 3.59 20.39 2.45
N GLY A 360 2.34 20.10 2.78
CA GLY A 360 1.15 20.72 2.21
C GLY A 360 0.44 19.81 1.23
N ASP A 361 0.63 18.48 1.40
CA ASP A 361 0.00 17.48 0.53
C ASP A 361 -0.30 16.16 1.23
N ASP A 362 -1.41 15.51 0.83
CA ASP A 362 -1.81 14.20 1.35
C ASP A 362 -1.19 13.07 0.50
N LEU A 363 -0.31 12.28 1.16
CA LEU A 363 0.44 11.19 0.54
C LEU A 363 -0.19 9.82 0.69
N ARG A 364 -1.38 9.72 1.32
CA ARG A 364 -2.10 8.47 1.60
C ARG A 364 -2.49 7.65 0.34
N GLN A 365 -2.95 8.31 -0.74
CA GLN A 365 -3.32 7.60 -1.96
C GLN A 365 -2.08 6.96 -2.60
N ASP A 366 -0.98 7.72 -2.71
CA ASP A 366 0.30 7.25 -3.24
C ASP A 366 0.86 6.18 -2.29
N GLN A 367 0.69 6.37 -0.96
CA GLN A 367 1.08 5.41 0.09
C GLN A 367 0.33 4.06 -0.15
N LEU A 368 -0.98 4.10 -0.45
CA LEU A 368 -1.71 2.88 -0.72
C LEU A 368 -1.22 2.22 -2.00
N ILE A 369 -1.14 2.97 -3.11
CA ILE A 369 -0.73 2.45 -4.44
C ILE A 369 0.66 1.77 -4.37
N LEU A 370 1.66 2.46 -3.79
CA LEU A 370 3.00 1.92 -3.59
C LEU A 370 3.00 0.68 -2.66
N GLN A 371 2.09 0.66 -1.66
CA GLN A 371 1.95 -0.49 -0.77
C GLN A 371 1.43 -1.68 -1.57
N ILE A 372 0.46 -1.44 -2.48
CA ILE A 372 -0.09 -2.50 -3.31
C ILE A 372 0.98 -2.99 -4.32
N ILE A 373 1.64 -2.08 -5.11
CA ILE A 373 2.73 -2.42 -6.03
C ILE A 373 3.80 -3.30 -5.31
N SER A 374 4.17 -2.96 -4.05
CA SER A 374 5.12 -3.76 -3.27
C SER A 374 4.59 -5.18 -3.03
N LEU A 375 3.34 -5.31 -2.59
CA LEU A 375 2.68 -6.59 -2.33
C LEU A 375 2.60 -7.42 -3.60
N MET A 376 2.20 -6.81 -4.74
CA MET A 376 2.13 -7.46 -6.05
C MET A 376 3.52 -7.92 -6.49
N ASP A 377 4.58 -7.11 -6.26
CA ASP A 377 5.96 -7.49 -6.57
C ASP A 377 6.41 -8.71 -5.74
N LYS A 378 6.12 -8.71 -4.44
CA LYS A 378 6.42 -9.80 -3.50
C LYS A 378 5.67 -11.05 -3.94
N LEU A 379 4.42 -10.87 -4.45
CA LEU A 379 3.56 -11.95 -4.90
C LEU A 379 4.14 -12.63 -6.13
N LEU A 380 4.59 -11.83 -7.10
CA LEU A 380 5.22 -12.29 -8.33
C LEU A 380 6.55 -13.06 -8.03
N ARG A 381 7.36 -12.56 -7.07
CA ARG A 381 8.62 -13.15 -6.63
C ARG A 381 8.42 -14.51 -5.96
N LYS A 382 7.31 -14.63 -5.21
CA LYS A 382 6.88 -15.86 -4.53
C LYS A 382 6.61 -16.94 -5.60
N GLU A 383 6.17 -16.53 -6.80
CA GLU A 383 5.91 -17.38 -7.97
C GLU A 383 7.14 -17.41 -8.89
N ASN A 384 8.32 -17.06 -8.32
CA ASN A 384 9.65 -16.99 -8.97
C ASN A 384 9.65 -16.13 -10.26
N LEU A 385 8.95 -14.99 -10.21
CA LEU A 385 8.90 -14.07 -11.32
C LEU A 385 9.33 -12.65 -10.86
N ASP A 386 10.66 -12.38 -10.88
CA ASP A 386 11.15 -11.05 -10.50
C ASP A 386 11.10 -10.20 -11.75
N LEU A 387 10.21 -9.20 -11.78
CA LEU A 387 10.04 -8.38 -12.97
C LEU A 387 10.72 -7.02 -12.94
N LYS A 388 11.74 -6.86 -12.08
CA LYS A 388 12.55 -5.64 -11.92
C LYS A 388 11.68 -4.37 -11.59
N LEU A 389 10.72 -4.55 -10.68
CA LEU A 389 9.85 -3.45 -10.34
C LEU A 389 10.49 -2.49 -9.37
N THR A 390 9.98 -1.25 -9.31
CA THR A 390 10.48 -0.20 -8.43
C THR A 390 9.37 0.19 -7.43
N PRO A 391 9.14 -0.64 -6.37
CA PRO A 391 8.13 -0.26 -5.39
C PRO A 391 8.78 0.60 -4.30
N TYR A 392 9.16 1.85 -4.66
CA TYR A 392 9.78 2.76 -3.70
C TYR A 392 8.85 3.00 -2.52
N LYS A 393 9.42 3.42 -1.39
CA LYS A 393 8.67 3.65 -0.17
C LYS A 393 8.05 5.03 -0.16
N VAL A 394 6.81 5.10 0.34
CA VAL A 394 6.06 6.35 0.58
C VAL A 394 5.51 6.19 2.00
N LEU A 395 5.71 7.20 2.83
CA LEU A 395 5.16 7.21 4.17
C LEU A 395 4.63 8.60 4.52
N ALA A 396 3.31 8.72 4.57
CA ALA A 396 2.69 9.94 5.05
C ALA A 396 2.87 9.89 6.60
N THR A 397 3.45 10.97 7.16
CA THR A 397 3.72 11.20 8.61
C THR A 397 2.60 12.10 9.22
N SER A 398 1.58 12.42 8.38
CA SER A 398 0.37 13.22 8.58
C SER A 398 -0.42 13.30 7.27
N THR A 399 -1.65 13.77 7.38
CA THR A 399 -2.53 14.00 6.24
C THR A 399 -2.06 15.24 5.45
N LYS A 400 -1.06 16.01 6.02
CA LYS A 400 -0.50 17.22 5.42
C LYS A 400 0.97 17.12 5.01
N HIS A 401 1.67 16.04 5.42
CA HIS A 401 3.09 15.86 5.14
C HIS A 401 3.54 14.40 5.17
N GLY A 402 4.59 14.11 4.41
CA GLY A 402 5.12 12.76 4.31
C GLY A 402 6.42 12.67 3.57
N PHE A 403 7.01 11.46 3.58
CA PHE A 403 8.29 11.11 2.95
C PHE A 403 8.06 10.23 1.75
N MET A 404 9.03 10.20 0.84
CA MET A 404 9.03 9.39 -0.37
C MET A 404 10.46 8.98 -0.66
N GLN A 405 10.71 7.68 -0.92
CA GLN A 405 12.05 7.15 -1.20
C GLN A 405 12.44 7.49 -2.60
N PHE A 406 13.44 8.40 -2.74
CA PHE A 406 13.96 8.88 -4.01
C PHE A 406 14.85 7.81 -4.59
N ILE A 407 14.50 7.38 -5.83
CA ILE A 407 15.15 6.38 -6.71
C ILE A 407 15.75 7.20 -7.87
N GLN A 408 17.10 7.28 -7.96
CA GLN A 408 17.81 7.98 -9.04
C GLN A 408 17.40 7.48 -10.44
N SER A 409 16.78 8.37 -11.20
CA SER A 409 16.26 8.10 -12.53
C SER A 409 16.02 9.39 -13.27
N VAL A 410 15.72 9.28 -14.57
CA VAL A 410 15.44 10.37 -15.51
C VAL A 410 14.08 10.08 -16.14
N PRO A 411 13.13 11.07 -16.16
CA PRO A 411 11.82 10.82 -16.82
C PRO A 411 12.00 10.63 -18.33
N VAL A 412 11.29 9.64 -18.91
CA VAL A 412 11.36 9.32 -20.35
C VAL A 412 11.25 10.60 -21.22
N ALA A 413 10.46 11.59 -20.77
CA ALA A 413 10.31 12.93 -21.39
C ALA A 413 11.70 13.52 -21.71
N GLU A 414 12.53 13.70 -20.65
CA GLU A 414 13.90 14.23 -20.67
C GLU A 414 14.83 13.32 -21.52
N VAL A 415 14.65 11.96 -21.39
CA VAL A 415 15.40 10.94 -22.15
C VAL A 415 15.34 11.30 -23.64
N LEU A 416 14.13 11.63 -24.13
CA LEU A 416 13.88 12.04 -25.51
C LEU A 416 14.42 13.45 -25.77
N ASP A 417 14.16 14.41 -24.86
CA ASP A 417 14.63 15.81 -24.95
C ASP A 417 16.15 15.92 -25.09
N THR A 418 16.90 14.91 -24.64
CA THR A 418 18.36 14.96 -24.66
C THR A 418 18.98 13.89 -25.58
N GLU A 419 18.60 12.61 -25.41
CA GLU A 419 19.17 11.48 -26.18
C GLU A 419 18.34 11.07 -27.40
N GLY A 420 17.12 11.61 -27.51
CA GLY A 420 16.21 11.37 -28.64
C GLY A 420 15.39 10.11 -28.57
N SER A 421 15.90 9.06 -27.89
CA SER A 421 15.25 7.76 -27.78
C SER A 421 15.74 6.98 -26.56
N ILE A 422 14.88 6.04 -26.07
CA ILE A 422 15.16 5.11 -24.97
C ILE A 422 16.37 4.24 -25.37
N GLN A 423 16.40 3.75 -26.61
CA GLN A 423 17.51 2.94 -27.13
C GLN A 423 18.83 3.73 -27.26
N ASN A 424 18.75 5.04 -27.53
CA ASN A 424 19.94 5.90 -27.63
C ASN A 424 20.54 6.13 -26.24
N PHE A 425 19.67 6.37 -25.24
CA PHE A 425 19.99 6.56 -23.84
C PHE A 425 20.70 5.30 -23.33
N PHE A 426 20.11 4.11 -23.58
CA PHE A 426 20.66 2.83 -23.18
C PHE A 426 21.95 2.50 -23.88
N ARG A 427 22.15 3.04 -25.10
CA ARG A 427 23.38 2.84 -25.87
C ARG A 427 24.50 3.65 -25.21
N LYS A 428 24.20 4.92 -24.84
CA LYS A 428 25.10 5.88 -24.18
C LYS A 428 25.68 5.31 -22.88
N TYR A 429 24.79 5.05 -21.90
CA TYR A 429 25.14 4.56 -20.56
C TYR A 429 25.29 3.03 -20.47
N ALA A 430 24.69 2.24 -21.35
CA ALA A 430 24.86 0.79 -21.25
C ALA A 430 25.23 0.11 -22.61
N PRO A 431 26.43 0.42 -23.18
CA PRO A 431 26.78 -0.19 -24.48
C PRO A 431 27.37 -1.61 -24.37
N SER A 432 27.08 -2.42 -25.40
CA SER A 432 27.55 -3.80 -25.61
C SER A 432 27.46 -4.05 -27.13
N GLU A 433 28.57 -4.48 -27.76
CA GLU A 433 28.60 -4.74 -29.22
C GLU A 433 27.72 -5.94 -29.60
N ASN A 434 27.84 -7.04 -28.84
CA ASN A 434 27.10 -8.27 -29.03
C ASN A 434 25.65 -8.17 -28.55
N GLY A 435 25.39 -7.20 -27.67
CA GLY A 435 24.08 -6.97 -27.09
C GLY A 435 23.01 -6.51 -28.08
N PRO A 436 21.71 -6.83 -27.78
CA PRO A 436 20.60 -6.47 -28.70
C PRO A 436 20.44 -4.96 -28.93
N ASN A 437 20.53 -4.55 -30.20
CA ASN A 437 20.46 -3.16 -30.67
C ASN A 437 21.63 -2.30 -30.16
N GLY A 438 22.76 -2.95 -29.86
CA GLY A 438 23.96 -2.28 -29.35
C GLY A 438 23.88 -1.84 -27.90
N ILE A 439 23.04 -2.52 -27.11
CA ILE A 439 22.77 -2.31 -25.69
C ILE A 439 22.95 -3.66 -24.95
N SER A 440 23.44 -3.62 -23.70
CA SER A 440 23.64 -4.77 -22.82
C SER A 440 22.38 -5.64 -22.72
N ALA A 441 22.60 -6.95 -22.55
CA ALA A 441 21.55 -7.94 -22.35
C ALA A 441 20.78 -7.66 -21.04
N GLU A 442 21.49 -7.54 -19.86
CA GLU A 442 20.89 -7.24 -18.54
C GLU A 442 19.99 -6.00 -18.60
N VAL A 443 20.49 -4.92 -19.20
CA VAL A 443 19.74 -3.66 -19.32
C VAL A 443 18.50 -3.87 -20.18
N MET A 444 18.65 -4.55 -21.33
CA MET A 444 17.52 -4.84 -22.21
C MET A 444 16.51 -5.76 -21.55
N ASP A 445 16.99 -6.77 -20.83
CA ASP A 445 16.16 -7.74 -20.13
C ASP A 445 15.36 -7.07 -19.00
N THR A 446 16.04 -6.24 -18.16
CA THR A 446 15.43 -5.47 -17.06
C THR A 446 14.31 -4.57 -17.62
N TYR A 447 14.58 -3.92 -18.79
CA TYR A 447 13.65 -3.03 -19.46
C TYR A 447 12.39 -3.72 -19.89
N VAL A 448 12.50 -4.84 -20.60
CA VAL A 448 11.34 -5.59 -21.08
C VAL A 448 10.49 -6.08 -19.90
N LYS A 449 11.16 -6.68 -18.89
CA LYS A 449 10.59 -7.22 -17.66
C LYS A 449 9.76 -6.20 -16.88
N SER A 450 10.30 -5.00 -16.60
CA SER A 450 9.62 -3.94 -15.87
C SER A 450 8.51 -3.27 -16.70
N CYS A 451 8.65 -3.20 -18.04
CA CYS A 451 7.62 -2.64 -18.93
C CYS A 451 6.37 -3.49 -18.87
N ALA A 452 6.55 -4.82 -18.88
CA ALA A 452 5.51 -5.81 -18.78
C ALA A 452 4.86 -5.76 -17.38
N GLY A 453 5.69 -5.74 -16.33
CA GLY A 453 5.27 -5.69 -14.93
C GLY A 453 4.38 -4.50 -14.65
N TYR A 454 4.84 -3.31 -15.02
CA TYR A 454 4.11 -2.08 -14.85
C TYR A 454 2.92 -1.98 -15.79
N CYS A 455 2.96 -2.60 -16.99
CA CYS A 455 1.82 -2.54 -17.91
C CYS A 455 0.61 -3.21 -17.33
N VAL A 456 0.82 -4.34 -16.65
CA VAL A 456 -0.21 -5.16 -16.01
C VAL A 456 -0.72 -4.44 -14.76
N ILE A 457 0.21 -4.08 -13.84
CA ILE A 457 -0.10 -3.45 -12.57
C ILE A 457 -0.86 -2.14 -12.79
N THR A 458 -0.36 -1.23 -13.66
CA THR A 458 -1.04 0.04 -13.95
C THR A 458 -2.43 -0.20 -14.54
N TYR A 459 -2.61 -1.31 -15.32
CA TYR A 459 -3.89 -1.71 -15.91
C TYR A 459 -4.85 -2.18 -14.81
N ILE A 460 -4.40 -3.15 -13.96
CA ILE A 460 -5.19 -3.67 -12.83
C ILE A 460 -5.57 -2.52 -11.88
N LEU A 461 -4.59 -1.74 -11.41
CA LEU A 461 -4.87 -0.61 -10.50
C LEU A 461 -5.56 0.61 -11.20
N GLY A 462 -5.76 0.53 -12.53
CA GLY A 462 -6.42 1.56 -13.32
C GLY A 462 -5.83 2.94 -13.12
N VAL A 463 -4.52 3.06 -13.29
CA VAL A 463 -3.74 4.28 -13.10
C VAL A 463 -3.95 5.27 -14.26
N GLY A 464 -4.55 6.43 -13.95
CA GLY A 464 -4.78 7.52 -14.89
C GLY A 464 -3.62 8.48 -14.97
N ASP A 465 -3.83 9.65 -15.66
CA ASP A 465 -2.88 10.76 -15.86
C ASP A 465 -1.47 10.30 -16.28
N ARG A 466 -1.42 9.36 -17.23
CA ARG A 466 -0.13 8.86 -17.67
C ARG A 466 0.46 9.71 -18.78
N HIS A 467 1.67 10.22 -18.54
CA HIS A 467 2.43 11.00 -19.52
C HIS A 467 3.93 10.76 -19.29
N LEU A 468 4.81 11.28 -20.18
CA LEU A 468 6.26 11.00 -20.11
C LEU A 468 6.98 11.66 -18.90
N ASP A 469 6.32 12.64 -18.19
CA ASP A 469 6.84 13.30 -16.97
C ASP A 469 6.87 12.35 -15.78
N ASN A 470 5.90 11.39 -15.71
CA ASN A 470 5.72 10.42 -14.61
C ASN A 470 6.12 8.94 -14.93
N LEU A 471 6.82 8.74 -16.04
CA LEU A 471 7.34 7.44 -16.49
C LEU A 471 8.84 7.62 -16.42
N LEU A 472 9.46 6.90 -15.50
CA LEU A 472 10.87 7.08 -15.20
C LEU A 472 11.70 5.88 -15.58
N LEU A 473 12.94 6.17 -15.97
CA LEU A 473 13.90 5.20 -16.48
C LEU A 473 15.25 5.30 -15.76
N THR A 474 15.87 4.13 -15.45
CA THR A 474 17.18 4.07 -14.80
C THR A 474 18.24 3.50 -15.77
N LYS A 475 19.52 3.86 -15.56
CA LYS A 475 20.64 3.41 -16.39
C LYS A 475 20.85 1.89 -16.33
N THR A 476 20.10 1.19 -15.42
CA THR A 476 20.16 -0.27 -15.30
C THR A 476 19.07 -0.94 -16.13
N GLY A 477 18.19 -0.12 -16.70
CA GLY A 477 17.08 -0.54 -17.54
C GLY A 477 15.71 -0.50 -16.87
N LYS A 478 15.68 -0.21 -15.56
CA LYS A 478 14.47 -0.19 -14.77
C LYS A 478 13.51 0.91 -15.17
N LEU A 479 12.33 0.52 -15.70
CA LEU A 479 11.25 1.45 -16.05
C LEU A 479 10.17 1.37 -14.94
N PHE A 480 9.67 2.54 -14.51
CA PHE A 480 8.70 2.62 -13.43
C PHE A 480 7.84 3.88 -13.50
N HIS A 481 6.68 3.81 -12.85
CA HIS A 481 5.71 4.89 -12.79
C HIS A 481 5.78 5.55 -11.44
N ILE A 482 5.46 6.85 -11.39
CA ILE A 482 5.36 7.69 -10.20
C ILE A 482 4.04 8.46 -10.33
N ASP A 483 3.69 9.28 -9.29
CA ASP A 483 2.55 10.20 -9.25
C ASP A 483 1.17 9.49 -9.37
N PHE A 484 0.70 8.91 -8.27
CA PHE A 484 -0.57 8.17 -8.32
C PHE A 484 -1.80 9.00 -7.82
N GLY A 485 -1.95 10.18 -8.44
CA GLY A 485 -3.04 11.12 -8.20
C GLY A 485 -4.35 10.72 -8.86
N TYR A 486 -4.26 9.95 -9.95
CA TYR A 486 -5.43 9.45 -10.64
C TYR A 486 -5.33 7.93 -10.67
N ILE A 487 -6.23 7.25 -9.94
CA ILE A 487 -6.26 5.78 -9.84
C ILE A 487 -7.68 5.23 -10.01
N LEU A 488 -7.80 3.93 -10.25
CA LEU A 488 -9.06 3.18 -10.41
C LEU A 488 -9.97 3.78 -11.47
N GLY A 489 -9.40 4.02 -12.66
CA GLY A 489 -10.12 4.56 -13.80
C GLY A 489 -10.34 6.05 -13.83
N ARG A 490 -9.86 6.77 -12.80
CA ARG A 490 -9.99 8.21 -12.79
C ARG A 490 -8.85 8.79 -13.66
N ASP A 491 -9.16 9.82 -14.50
CA ASP A 491 -8.19 10.48 -15.39
C ASP A 491 -8.58 11.97 -15.59
N PRO A 492 -7.61 12.92 -15.69
CA PRO A 492 -8.00 14.33 -15.94
C PRO A 492 -8.74 14.55 -17.28
N LYS A 493 -8.29 13.87 -18.35
CA LYS A 493 -8.85 13.89 -19.70
C LYS A 493 -10.02 12.88 -19.86
N PRO A 494 -10.99 13.13 -20.79
CA PRO A 494 -12.07 12.14 -20.99
C PRO A 494 -11.60 11.03 -21.95
N LEU A 495 -12.28 9.87 -21.89
CA LEU A 495 -11.99 8.67 -22.70
C LEU A 495 -10.55 8.11 -22.50
N PRO A 496 -10.09 7.85 -21.23
CA PRO A 496 -8.75 7.30 -21.05
C PRO A 496 -8.65 5.84 -21.51
N PRO A 497 -7.50 5.42 -22.11
CA PRO A 497 -7.34 4.02 -22.55
C PRO A 497 -7.21 3.02 -21.38
N PRO A 498 -7.64 1.73 -21.51
CA PRO A 498 -7.46 0.77 -20.40
C PRO A 498 -6.01 0.28 -20.20
N MET A 499 -5.23 0.29 -21.30
CA MET A 499 -3.82 -0.11 -21.36
C MET A 499 -2.94 1.14 -21.54
N LYS A 500 -2.12 1.44 -20.52
CA LYS A 500 -1.24 2.62 -20.52
C LYS A 500 0.13 2.31 -21.17
N LEU A 501 0.14 2.34 -22.52
CA LEU A 501 1.29 2.01 -23.36
C LEU A 501 1.51 3.07 -24.46
N ASN A 502 2.79 3.32 -24.87
CA ASN A 502 3.11 4.31 -25.90
C ASN A 502 4.30 3.96 -26.81
N LYS A 503 4.41 4.72 -27.93
CA LYS A 503 5.38 4.64 -29.04
C LYS A 503 6.83 4.45 -28.59
N GLU A 504 7.27 5.30 -27.65
CA GLU A 504 8.60 5.37 -27.07
C GLU A 504 8.97 4.07 -26.37
N MET A 505 8.00 3.47 -25.62
CA MET A 505 8.13 2.22 -24.88
C MET A 505 8.39 1.04 -25.81
N VAL A 506 7.59 0.95 -26.91
CA VAL A 506 7.66 -0.07 -27.96
C VAL A 506 8.96 0.09 -28.75
N GLU A 507 9.33 1.34 -29.09
CA GLU A 507 10.56 1.64 -29.82
C GLU A 507 11.82 1.25 -29.06
N GLY A 508 11.79 1.41 -27.72
CA GLY A 508 12.86 1.02 -26.80
C GLY A 508 13.07 -0.48 -26.76
N MET A 509 12.06 -1.24 -27.15
CA MET A 509 12.10 -2.71 -27.23
C MET A 509 12.63 -3.20 -28.59
N GLY A 510 12.83 -2.27 -29.51
CA GLY A 510 13.28 -2.59 -30.86
C GLY A 510 12.12 -2.98 -31.76
N GLY A 511 10.95 -2.37 -31.53
CA GLY A 511 9.74 -2.57 -32.31
C GLY A 511 8.98 -3.87 -32.08
N THR A 512 7.81 -3.99 -32.75
CA THR A 512 6.90 -5.13 -32.64
C THR A 512 7.42 -6.47 -33.26
N GLN A 513 8.43 -6.43 -34.15
CA GLN A 513 8.94 -7.65 -34.77
C GLN A 513 10.19 -8.19 -34.07
N SER A 514 10.59 -7.56 -32.93
CA SER A 514 11.76 -7.96 -32.13
C SER A 514 11.50 -9.20 -31.26
N GLU A 515 12.57 -9.89 -30.85
CA GLU A 515 12.49 -11.05 -29.95
C GLU A 515 12.07 -10.52 -28.59
N GLN A 516 12.54 -9.29 -28.27
CA GLN A 516 12.25 -8.57 -27.03
C GLN A 516 10.75 -8.33 -26.93
N TYR A 517 10.11 -7.86 -28.02
CA TYR A 517 8.66 -7.61 -28.02
C TYR A 517 7.87 -8.86 -27.70
N GLN A 518 8.33 -10.02 -28.22
CA GLN A 518 7.70 -11.31 -27.97
C GLN A 518 7.81 -11.68 -26.51
N GLU A 519 9.01 -11.42 -25.92
CA GLU A 519 9.27 -11.66 -24.49
C GLU A 519 8.40 -10.73 -23.63
N PHE A 520 8.19 -9.47 -24.08
CA PHE A 520 7.35 -8.48 -23.41
C PHE A 520 5.94 -9.06 -23.20
N ARG A 521 5.29 -9.49 -24.31
CA ARG A 521 3.97 -10.12 -24.36
C ARG A 521 3.91 -11.30 -23.40
N LYS A 522 4.87 -12.25 -23.53
CA LYS A 522 4.99 -13.44 -22.70
C LYS A 522 4.99 -13.08 -21.22
N GLN A 523 5.75 -12.04 -20.84
CA GLN A 523 5.84 -11.58 -19.45
C GLN A 523 4.57 -10.85 -18.95
N CYS A 524 3.82 -10.15 -19.84
CA CYS A 524 2.56 -9.50 -19.47
C CYS A 524 1.56 -10.54 -19.02
N TYR A 525 1.17 -11.46 -19.93
CA TYR A 525 0.19 -12.51 -19.67
C TYR A 525 0.59 -13.45 -18.55
N THR A 526 1.91 -13.70 -18.31
CA THR A 526 2.38 -14.56 -17.19
C THR A 526 2.12 -13.85 -15.87
N ALA A 527 2.56 -12.56 -15.78
CA ALA A 527 2.35 -11.71 -14.61
C ALA A 527 0.85 -11.66 -14.30
N PHE A 528 0.01 -11.42 -15.34
CA PHE A 528 -1.43 -11.36 -15.21
C PHE A 528 -2.02 -12.61 -14.57
N LEU A 529 -1.68 -13.83 -15.08
CA LEU A 529 -2.17 -15.12 -14.51
C LEU A 529 -1.74 -15.29 -13.06
N HIS A 530 -0.52 -14.81 -12.73
CA HIS A 530 0.02 -14.91 -11.38
C HIS A 530 -0.72 -14.00 -10.41
N LEU A 531 -1.06 -12.79 -10.86
CA LEU A 531 -1.74 -11.79 -10.06
C LEU A 531 -3.19 -12.12 -9.85
N ARG A 532 -3.81 -12.79 -10.84
CA ARG A 532 -5.20 -13.27 -10.81
C ARG A 532 -5.36 -14.32 -9.72
N ARG A 533 -4.28 -15.10 -9.47
CA ARG A 533 -4.20 -16.16 -8.48
C ARG A 533 -4.36 -15.56 -7.10
N TYR A 534 -3.83 -14.33 -6.91
CA TYR A 534 -3.89 -13.61 -5.63
C TYR A 534 -4.98 -12.49 -5.62
N SER A 535 -6.08 -12.71 -6.39
CA SER A 535 -7.20 -11.79 -6.50
C SER A 535 -7.86 -11.59 -5.16
N ASN A 536 -8.21 -12.70 -4.45
CA ASN A 536 -8.87 -12.63 -3.14
C ASN A 536 -8.16 -11.72 -2.15
N LEU A 537 -6.81 -11.82 -2.11
CA LEU A 537 -6.00 -11.02 -1.21
C LEU A 537 -6.00 -9.53 -1.60
N ILE A 538 -5.78 -9.22 -2.90
CA ILE A 538 -5.73 -7.83 -3.37
C ILE A 538 -7.09 -7.16 -3.12
N LEU A 539 -8.16 -7.95 -3.30
CA LEU A 539 -9.54 -7.52 -3.14
C LEU A 539 -9.97 -7.32 -1.69
N ASN A 540 -9.61 -8.24 -0.79
CA ASN A 540 -9.90 -8.13 0.65
C ASN A 540 -9.19 -6.93 1.25
N LEU A 541 -7.96 -6.61 0.77
CA LEU A 541 -7.18 -5.47 1.22
C LEU A 541 -7.80 -4.18 0.75
N PHE A 542 -8.23 -4.11 -0.53
CA PHE A 542 -8.92 -2.91 -1.06
C PHE A 542 -10.23 -2.67 -0.33
N SER A 543 -10.97 -3.77 0.00
CA SER A 543 -12.22 -3.80 0.77
C SER A 543 -12.01 -3.15 2.16
N LEU A 544 -10.79 -3.28 2.73
CA LEU A 544 -10.43 -2.67 4.01
C LEU A 544 -9.98 -1.17 3.88
N MET A 545 -10.16 -0.54 2.69
CA MET A 545 -9.76 0.85 2.40
C MET A 545 -10.91 1.74 1.97
N VAL A 546 -12.15 1.22 2.09
CA VAL A 546 -13.40 1.89 1.73
C VAL A 546 -13.67 3.16 2.53
N ASP A 547 -13.25 3.18 3.81
CA ASP A 547 -13.48 4.34 4.67
C ASP A 547 -12.19 5.05 5.03
N ALA A 548 -11.14 4.88 4.21
CA ALA A 548 -9.80 5.42 4.45
C ALA A 548 -9.56 6.88 4.06
N ASN A 549 -10.52 7.55 3.39
CA ASN A 549 -10.40 8.93 2.92
C ASN A 549 -9.29 9.06 1.88
N ILE A 550 -9.30 8.12 0.91
CA ILE A 550 -8.39 8.05 -0.24
C ILE A 550 -9.22 8.70 -1.38
N PRO A 551 -8.83 9.90 -1.87
CA PRO A 551 -9.64 10.63 -2.85
C PRO A 551 -10.45 9.77 -3.84
N ASP A 552 -9.76 8.98 -4.68
CA ASP A 552 -10.37 8.19 -5.74
C ASP A 552 -11.12 6.91 -5.23
N ILE A 553 -11.02 6.58 -3.94
CA ILE A 553 -11.78 5.47 -3.37
C ILE A 553 -13.05 6.04 -2.76
N ALA A 554 -12.94 7.21 -2.11
CA ALA A 554 -14.06 7.93 -1.46
C ALA A 554 -15.23 8.24 -2.40
N LEU A 555 -14.95 8.60 -3.68
CA LEU A 555 -15.90 8.90 -4.76
C LEU A 555 -17.07 7.90 -4.83
N GLU A 556 -16.73 6.59 -4.94
CA GLU A 556 -17.63 5.43 -5.01
C GLU A 556 -16.98 4.31 -4.15
N PRO A 557 -17.14 4.33 -2.80
CA PRO A 557 -16.51 3.26 -1.98
C PRO A 557 -17.10 1.88 -2.30
N ASP A 558 -18.41 1.86 -2.52
CA ASP A 558 -19.24 0.71 -2.87
C ASP A 558 -18.83 0.04 -4.20
N LYS A 559 -18.36 0.84 -5.19
CA LYS A 559 -17.98 0.39 -6.53
C LYS A 559 -16.50 0.08 -6.72
N THR A 560 -15.65 0.49 -5.74
CA THR A 560 -14.19 0.36 -5.74
C THR A 560 -13.71 -1.10 -5.94
N VAL A 561 -14.04 -2.04 -5.01
CA VAL A 561 -13.64 -3.46 -5.07
C VAL A 561 -13.94 -4.05 -6.47
N LYS A 562 -15.19 -3.89 -6.97
CA LYS A 562 -15.61 -4.33 -8.31
C LYS A 562 -14.72 -3.75 -9.44
N LYS A 563 -14.34 -2.42 -9.38
CA LYS A 563 -13.46 -1.78 -10.38
C LYS A 563 -12.20 -2.63 -10.56
N VAL A 564 -11.56 -3.02 -9.45
CA VAL A 564 -10.37 -3.87 -9.39
C VAL A 564 -10.73 -5.31 -9.84
N GLN A 565 -11.77 -5.92 -9.22
CA GLN A 565 -12.25 -7.29 -9.47
C GLN A 565 -12.50 -7.59 -10.95
N ASP A 566 -12.90 -6.56 -11.69
CA ASP A 566 -13.19 -6.67 -13.11
C ASP A 566 -11.94 -6.72 -13.99
N LYS A 567 -10.85 -6.06 -13.54
CA LYS A 567 -9.58 -6.03 -14.26
C LYS A 567 -8.95 -7.43 -14.32
N PHE A 568 -9.17 -8.28 -13.27
CA PHE A 568 -8.66 -9.66 -13.21
C PHE A 568 -9.37 -10.58 -14.23
N ARG A 569 -10.60 -10.22 -14.64
CA ARG A 569 -11.43 -11.00 -15.57
C ARG A 569 -11.56 -12.46 -15.08
N LEU A 570 -12.03 -12.61 -13.84
CA LEU A 570 -12.24 -13.90 -13.19
C LEU A 570 -13.35 -14.76 -13.85
N ASP A 571 -14.09 -14.15 -14.83
CA ASP A 571 -15.13 -14.79 -15.64
C ASP A 571 -14.43 -15.70 -16.68
N LEU A 572 -13.19 -15.34 -17.03
CA LEU A 572 -12.35 -16.04 -18.00
C LEU A 572 -11.45 -17.05 -17.34
N SER A 573 -11.21 -18.14 -18.06
CA SER A 573 -10.28 -19.19 -17.65
C SER A 573 -8.86 -18.68 -17.91
N ASP A 574 -7.86 -19.31 -17.28
CA ASP A 574 -6.47 -18.90 -17.49
C ASP A 574 -6.10 -18.80 -18.98
N GLU A 575 -6.49 -19.82 -19.79
CA GLU A 575 -6.23 -19.79 -21.22
C GLU A 575 -6.93 -18.60 -21.91
N GLU A 576 -8.20 -18.34 -21.56
CA GLU A 576 -8.95 -17.22 -22.09
C GLU A 576 -8.27 -15.90 -21.72
N ALA A 577 -7.88 -15.76 -20.42
CA ALA A 577 -7.23 -14.58 -19.84
C ALA A 577 -5.98 -14.20 -20.62
N VAL A 578 -5.19 -15.23 -21.00
CA VAL A 578 -3.96 -15.12 -21.79
C VAL A 578 -4.29 -14.44 -23.10
N HIS A 579 -5.41 -14.84 -23.73
CA HIS A 579 -5.85 -14.26 -25.00
C HIS A 579 -6.40 -12.86 -24.80
N TYR A 580 -7.20 -12.64 -23.71
CA TYR A 580 -7.72 -11.31 -23.38
C TYR A 580 -6.59 -10.30 -23.20
N MET A 581 -5.50 -10.71 -22.52
CA MET A 581 -4.34 -9.86 -22.31
C MET A 581 -3.68 -9.50 -23.67
N GLN A 582 -3.48 -10.52 -24.55
CA GLN A 582 -2.88 -10.38 -25.88
C GLN A 582 -3.72 -9.45 -26.75
N SER A 583 -5.04 -9.42 -26.53
CA SER A 583 -6.01 -8.58 -27.24
C SER A 583 -5.85 -7.11 -26.82
N LEU A 584 -5.67 -6.88 -25.48
CA LEU A 584 -5.45 -5.58 -24.87
C LEU A 584 -4.24 -4.96 -25.50
N ILE A 585 -3.12 -5.73 -25.52
CA ILE A 585 -1.83 -5.34 -26.07
C ILE A 585 -1.93 -4.93 -27.55
N ASP A 586 -2.60 -5.76 -28.40
CA ASP A 586 -2.81 -5.53 -29.84
C ASP A 586 -3.56 -4.23 -30.09
N GLU A 587 -4.79 -4.13 -29.57
CA GLU A 587 -5.68 -2.97 -29.67
C GLU A 587 -4.94 -1.68 -29.23
N SER A 588 -4.20 -1.75 -28.10
CA SER A 588 -3.41 -0.66 -27.55
C SER A 588 -2.34 -0.18 -28.52
N VAL A 589 -1.51 -1.09 -29.03
CA VAL A 589 -0.40 -0.84 -29.95
C VAL A 589 -0.90 -0.31 -31.30
N HIS A 590 -1.97 -0.90 -31.85
CA HIS A 590 -2.59 -0.47 -33.12
C HIS A 590 -3.10 0.97 -32.99
N ALA A 591 -3.81 1.24 -31.88
CA ALA A 591 -4.37 2.55 -31.56
C ALA A 591 -3.28 3.61 -31.37
N LEU A 592 -2.15 3.27 -30.74
CA LEU A 592 -1.11 4.27 -30.50
C LEU A 592 -0.35 4.66 -31.78
N PHE A 593 -0.12 3.71 -32.70
CA PHE A 593 0.56 4.04 -33.96
C PHE A 593 -0.37 4.82 -34.92
N ALA A 594 -1.71 4.58 -34.80
CA ALA A 594 -2.75 5.30 -35.55
C ALA A 594 -2.86 6.78 -35.09
N ALA A 595 -2.36 7.10 -33.85
CA ALA A 595 -2.29 8.43 -33.19
C ALA A 595 -3.62 9.21 -33.17
#